data_6GGC
#
_entry.id   6GGC
#
_cell.length_a   64.894
_cell.length_b   71.172
_cell.length_c   105.016
_cell.angle_alpha   90.00
_cell.angle_beta   90.00
_cell.angle_gamma   90.00
#
_symmetry.space_group_name_H-M   'P 21 21 21'
#
loop_
_entity.id
_entity.type
_entity.pdbx_description
1 polymer 'Cellular tumor antigen p53'
2 non-polymer 'ZINC ION'
3 non-polymer [9-ethyl-7-(furan-2-yl)carbazol-3-yl]methyl-methyl-azanium
4 non-polymer 1,2-ETHANEDIOL
5 non-polymer GLYCEROL
6 water water
#
_entity_poly.entity_id   1
_entity_poly.type   'polypeptide(L)'
_entity_poly.pdbx_seq_one_letter_code
;SSSVPSQKTYQGSYGFRLGFLHSGTAKSVTCTYSPALNKLFCQLAKTCPVQLWVDSTPPPGTRVRAMAIYKQSQHMTEVV
RRCPHHERCSDSDGLAPPQHLIRVEGNLRAEYLDDRNTFRHSVVVPCEPPEVGSDCTTIHYNYMCYSSCMGGMNRRPILT
IITLEDSSGNLLGRDSFEVRVCACPGRDRRTEEENLRKKGEPHHELPPGSTKRALPNNT
;
_entity_poly.pdbx_strand_id   A,B
#
loop_
_chem_comp.id
_chem_comp.type
_chem_comp.name
_chem_comp.formula
EDO non-polymer 1,2-ETHANEDIOL 'C2 H6 O2'
EXN non-polymer [9-ethyl-7-(furan-2-yl)carbazol-3-yl]methyl-methyl-azanium 'C20 H21 N2 O 1'
GOL non-polymer GLYCEROL 'C3 H8 O3'
ZN non-polymer 'ZINC ION' 'Zn 2'
#
# COMPACT_ATOMS: atom_id res chain seq x y z
N SER A 3 -6.59 0.64 12.80
CA SER A 3 -5.38 0.55 12.00
C SER A 3 -5.64 -0.29 10.74
N VAL A 4 -4.62 -0.41 9.90
CA VAL A 4 -4.73 -1.12 8.63
C VAL A 4 -3.61 -2.16 8.55
N PRO A 5 -3.95 -3.45 8.41
CA PRO A 5 -2.89 -4.46 8.26
C PRO A 5 -2.05 -4.21 7.01
N SER A 6 -0.77 -4.54 7.11
CA SER A 6 0.13 -4.37 5.99
C SER A 6 -0.29 -5.23 4.81
N GLN A 7 -0.08 -4.70 3.60
CA GLN A 7 -0.27 -5.46 2.37
C GLN A 7 1.03 -5.59 1.57
N LYS A 8 2.18 -5.34 2.20
CA LYS A 8 3.45 -5.38 1.50
C LYS A 8 3.81 -6.81 1.14
N THR A 9 4.12 -7.05 -0.14
CA THR A 9 4.57 -8.37 -0.56
C THR A 9 5.92 -8.66 0.10
N TYR A 10 6.04 -9.85 0.67
CA TYR A 10 7.22 -10.22 1.44
C TYR A 10 7.41 -11.72 1.33
N GLN A 11 8.43 -12.13 0.58
CA GLN A 11 8.64 -13.57 0.41
C GLN A 11 9.21 -14.21 1.66
N GLY A 12 10.05 -13.48 2.41
CA GLY A 12 10.62 -14.02 3.62
C GLY A 12 11.62 -15.14 3.36
N SER A 13 12.00 -15.79 4.46
CA SER A 13 13.06 -16.78 4.44
C SER A 13 12.71 -18.00 3.60
N TYR A 14 11.43 -18.31 3.47
CA TYR A 14 11.00 -19.51 2.77
C TYR A 14 10.58 -19.27 1.33
N GLY A 15 10.68 -18.03 0.84
CA GLY A 15 10.32 -17.74 -0.53
C GLY A 15 8.84 -17.92 -0.79
N PHE A 16 8.01 -17.40 0.12
CA PHE A 16 6.56 -17.60 0.05
C PHE A 16 5.91 -16.72 -0.99
N ARG A 17 5.06 -17.30 -1.84
CA ARG A 17 4.22 -16.53 -2.75
C ARG A 17 3.03 -17.37 -3.15
N LEU A 18 2.00 -16.69 -3.69
CA LEU A 18 0.79 -17.35 -4.15
C LEU A 18 0.91 -17.78 -5.61
N GLY A 19 -0.02 -18.62 -6.05
CA GLY A 19 -0.17 -18.91 -7.46
C GLY A 19 -1.64 -19.14 -7.75
N PHE A 20 -1.99 -18.97 -9.02
CA PHE A 20 -3.37 -19.08 -9.46
C PHE A 20 -3.46 -19.90 -10.73
N LEU A 21 -4.56 -20.62 -10.88
CA LEU A 21 -4.81 -21.38 -12.09
C LEU A 21 -5.09 -20.44 -13.25
N HIS A 22 -5.11 -21.00 -14.46
CA HIS A 22 -5.43 -20.27 -15.68
C HIS A 22 -6.78 -20.77 -16.17
N SER A 23 -7.84 -20.14 -15.69
CA SER A 23 -9.18 -20.65 -15.87
C SER A 23 -9.92 -20.03 -17.05
N GLY A 24 -9.35 -19.00 -17.68
CA GLY A 24 -9.96 -18.39 -18.84
C GLY A 24 -11.08 -17.43 -18.46
N THR A 25 -11.74 -16.89 -19.49
CA THR A 25 -12.73 -15.84 -19.29
C THR A 25 -14.07 -16.16 -19.93
N ALA A 26 -14.37 -17.44 -20.14
CA ALA A 26 -15.66 -17.83 -20.68
C ALA A 26 -16.79 -17.33 -19.77
N LYS A 27 -17.95 -17.09 -20.37
CA LYS A 27 -19.08 -16.56 -19.60
C LYS A 27 -19.47 -17.49 -18.46
N SER A 28 -19.20 -18.79 -18.60
CA SER A 28 -19.57 -19.77 -17.59
C SER A 28 -18.56 -19.94 -16.47
N VAL A 29 -17.39 -19.30 -16.56
CA VAL A 29 -16.35 -19.53 -15.56
C VAL A 29 -16.80 -18.99 -14.19
N THR A 30 -16.44 -19.71 -13.12
CA THR A 30 -16.90 -19.34 -11.78
C THR A 30 -15.82 -18.66 -10.95
N CYS A 31 -14.56 -18.74 -11.38
CA CYS A 31 -13.45 -18.14 -10.66
C CYS A 31 -12.33 -18.00 -11.68
N THR A 32 -11.76 -16.81 -11.79
CA THR A 32 -10.70 -16.59 -12.76
C THR A 32 -9.80 -15.47 -12.26
N TYR A 33 -8.50 -15.63 -12.46
CA TYR A 33 -7.51 -14.71 -11.93
C TYR A 33 -6.86 -13.93 -13.07
N SER A 34 -6.75 -12.61 -12.90
CA SER A 34 -6.08 -11.75 -13.87
C SER A 34 -4.70 -11.38 -13.36
N PRO A 35 -3.62 -11.91 -13.95
CA PRO A 35 -2.28 -11.42 -13.56
C PRO A 35 -2.07 -9.95 -13.88
N ALA A 36 -2.63 -9.45 -14.98
CA ALA A 36 -2.42 -8.05 -15.34
C ALA A 36 -3.00 -7.11 -14.30
N LEU A 37 -4.11 -7.48 -13.67
CA LEU A 37 -4.75 -6.68 -12.64
C LEU A 37 -4.40 -7.12 -11.23
N ASN A 38 -3.68 -8.23 -11.06
CA ASN A 38 -3.55 -8.92 -9.77
C ASN A 38 -4.89 -8.99 -9.06
N LYS A 39 -5.86 -9.57 -9.75
CA LYS A 39 -7.24 -9.50 -9.29
C LYS A 39 -7.95 -10.83 -9.56
N LEU A 40 -8.56 -11.38 -8.53
CA LEU A 40 -9.38 -12.58 -8.65
C LEU A 40 -10.83 -12.15 -8.83
N PHE A 41 -11.52 -12.78 -9.78
CA PHE A 41 -12.94 -12.56 -10.04
C PHE A 41 -13.66 -13.87 -9.76
N CYS A 42 -14.68 -13.84 -8.90
CA CYS A 42 -15.34 -15.10 -8.57
C CYS A 42 -16.82 -14.88 -8.29
N GLN A 43 -17.58 -15.96 -8.47
CA GLN A 43 -18.99 -15.97 -8.11
C GLN A 43 -19.17 -16.16 -6.60
N LEU A 44 -20.36 -15.81 -6.14
CA LEU A 44 -20.69 -15.87 -4.73
C LEU A 44 -20.59 -17.31 -4.22
N ALA A 45 -19.79 -17.49 -3.16
CA ALA A 45 -19.71 -18.75 -2.42
C ALA A 45 -19.15 -19.91 -3.24
N LYS A 46 -18.48 -19.64 -4.36
CA LYS A 46 -17.90 -20.68 -5.19
C LYS A 46 -16.43 -20.90 -4.84
N THR A 47 -15.95 -22.09 -5.15
CA THR A 47 -14.59 -22.47 -4.79
C THR A 47 -13.57 -21.61 -5.51
N CYS A 48 -12.62 -21.06 -4.76
CA CYS A 48 -11.52 -20.27 -5.31
C CYS A 48 -10.22 -20.96 -4.93
N PRO A 49 -9.59 -21.69 -5.86
CA PRO A 49 -8.32 -22.34 -5.53
C PRO A 49 -7.18 -21.33 -5.53
N VAL A 50 -6.45 -21.29 -4.43
CA VAL A 50 -5.28 -20.43 -4.31
C VAL A 50 -4.10 -21.31 -3.96
N GLN A 51 -3.05 -21.26 -4.78
CA GLN A 51 -1.86 -22.07 -4.53
C GLN A 51 -0.90 -21.35 -3.61
N LEU A 52 -0.18 -22.15 -2.82
CA LEU A 52 0.90 -21.68 -1.96
C LEU A 52 2.21 -22.31 -2.46
N TRP A 53 3.21 -21.47 -2.64
CA TRP A 53 4.53 -21.88 -3.11
C TRP A 53 5.58 -21.40 -2.14
N VAL A 54 6.55 -22.27 -1.83
CA VAL A 54 7.74 -21.88 -1.09
C VAL A 54 8.95 -22.52 -1.76
N ASP A 55 10.12 -21.88 -1.56
CA ASP A 55 11.39 -22.41 -2.04
C ASP A 55 12.07 -23.35 -1.05
N SER A 56 11.67 -23.32 0.21
CA SER A 56 12.24 -24.21 1.21
C SER A 56 11.18 -24.53 2.26
N THR A 57 11.40 -25.60 2.99
CA THR A 57 10.38 -26.16 3.86
C THR A 57 10.27 -25.35 5.15
N PRO A 58 9.09 -24.84 5.49
CA PRO A 58 8.92 -24.11 6.75
C PRO A 58 8.70 -25.07 7.91
N PRO A 59 8.79 -24.59 9.15
CA PRO A 59 8.75 -25.49 10.31
C PRO A 59 7.35 -26.05 10.54
N PRO A 60 7.26 -27.19 11.24
CA PRO A 60 5.95 -27.67 11.70
C PRO A 60 5.29 -26.60 12.57
N GLY A 61 3.99 -26.41 12.36
CA GLY A 61 3.26 -25.39 13.09
C GLY A 61 3.10 -24.08 12.34
N THR A 62 3.76 -23.94 11.19
CA THR A 62 3.51 -22.80 10.32
C THR A 62 2.05 -22.79 9.90
N ARG A 63 1.46 -21.60 9.80
CA ARG A 63 0.06 -21.45 9.43
C ARG A 63 -0.09 -20.43 8.30
N VAL A 64 -1.28 -20.41 7.71
CA VAL A 64 -1.60 -19.56 6.57
C VAL A 64 -2.91 -18.85 6.90
N ARG A 65 -2.88 -17.52 6.95
CA ARG A 65 -4.04 -16.71 7.32
C ARG A 65 -4.50 -15.90 6.12
N ALA A 66 -5.83 -15.74 5.98
CA ALA A 66 -6.44 -14.88 4.99
C ALA A 66 -7.30 -13.83 5.66
N MET A 67 -7.21 -12.59 5.16
CA MET A 67 -7.98 -11.48 5.70
C MET A 67 -8.30 -10.53 4.54
N ALA A 68 -9.48 -9.91 4.58
CA ALA A 68 -9.86 -8.93 3.58
C ALA A 68 -9.79 -7.53 4.16
N ILE A 69 -9.33 -6.57 3.35
CA ILE A 69 -9.38 -5.14 3.68
C ILE A 69 -9.91 -4.39 2.46
N TYR A 70 -10.49 -3.22 2.71
CA TYR A 70 -10.86 -2.35 1.59
C TYR A 70 -9.61 -1.78 0.93
N LYS A 71 -9.64 -1.70 -0.40
CA LYS A 71 -8.48 -1.26 -1.18
C LYS A 71 -8.31 0.26 -1.15
N GLN A 72 -9.40 1.01 -1.22
CA GLN A 72 -9.30 2.46 -1.31
C GLN A 72 -8.94 3.07 0.04
N SER A 73 -8.08 4.10 0.01
CA SER A 73 -7.56 4.68 1.24
CA SER A 73 -7.55 4.67 1.25
C SER A 73 -8.68 5.19 2.14
N GLN A 74 -9.73 5.73 1.55
CA GLN A 74 -10.83 6.31 2.31
C GLN A 74 -11.70 5.26 3.00
N HIS A 75 -11.49 3.98 2.71
CA HIS A 75 -12.27 2.92 3.34
C HIS A 75 -11.41 1.89 4.06
N MET A 76 -10.07 1.99 3.99
CA MET A 76 -9.21 0.94 4.51
CA MET A 76 -9.23 0.92 4.51
C MET A 76 -9.41 0.69 6.00
N THR A 77 -9.87 1.70 6.74
CA THR A 77 -10.03 1.52 8.17
C THR A 77 -11.31 0.81 8.56
N GLU A 78 -12.22 0.56 7.62
CA GLU A 78 -13.49 -0.08 7.93
C GLU A 78 -13.34 -1.60 7.80
N VAL A 79 -13.84 -2.33 8.81
CA VAL A 79 -13.78 -3.79 8.78
C VAL A 79 -14.60 -4.33 7.62
N VAL A 80 -14.02 -5.23 6.84
CA VAL A 80 -14.75 -5.92 5.79
C VAL A 80 -15.56 -7.05 6.41
N ARG A 81 -16.88 -7.02 6.21
CA ARG A 81 -17.75 -8.04 6.79
C ARG A 81 -18.89 -8.33 5.82
N ARG A 82 -19.60 -9.42 6.09
CA ARG A 82 -20.78 -9.71 5.29
C ARG A 82 -21.88 -8.69 5.58
N CYS A 83 -22.74 -8.50 4.58
CA CYS A 83 -23.79 -7.49 4.59
C CYS A 83 -24.92 -7.90 5.52
N PRO A 84 -25.86 -6.98 5.81
CA PRO A 84 -26.92 -7.30 6.78
C PRO A 84 -27.81 -8.45 6.34
N HIS A 85 -27.91 -8.72 5.04
CA HIS A 85 -28.67 -9.88 4.58
C HIS A 85 -27.88 -11.16 4.75
N HIS A 86 -26.66 -11.20 4.20
CA HIS A 86 -25.93 -12.46 4.17
C HIS A 86 -25.48 -12.91 5.54
N GLU A 87 -25.23 -11.99 6.48
CA GLU A 87 -24.86 -12.44 7.81
C GLU A 87 -26.01 -13.16 8.53
N ARG A 88 -27.23 -13.06 8.00
CA ARG A 88 -28.42 -13.66 8.59
C ARG A 88 -29.05 -14.75 7.75
N CYS A 89 -28.38 -15.26 6.74
N CYS A 89 -28.35 -15.27 6.75
CA CYS A 89 -29.08 -16.18 5.83
CA CYS A 89 -28.92 -16.19 5.77
C CYS A 89 -28.89 -17.65 6.18
C CYS A 89 -29.00 -17.62 6.27
N SER A 90 -28.31 -17.96 7.35
CA SER A 90 -28.26 -19.33 7.87
C SER A 90 -27.59 -20.29 6.87
N ASP A 91 -26.54 -19.81 6.21
CA ASP A 91 -25.72 -20.66 5.33
C ASP A 91 -24.47 -21.16 6.04
N SER A 92 -24.57 -21.40 7.34
CA SER A 92 -23.42 -21.81 8.13
C SER A 92 -22.87 -23.14 7.62
N ASP A 93 -21.54 -23.25 7.63
CA ASP A 93 -20.88 -24.53 7.39
C ASP A 93 -20.53 -25.25 8.69
N GLY A 94 -20.98 -24.72 9.83
CA GLY A 94 -20.71 -25.31 11.12
C GLY A 94 -19.45 -24.81 11.79
N LEU A 95 -18.66 -23.96 11.12
CA LEU A 95 -17.38 -23.54 11.67
C LEU A 95 -17.20 -22.03 11.48
N ALA A 96 -17.47 -21.53 10.29
CA ALA A 96 -17.27 -20.11 10.02
C ALA A 96 -18.36 -19.30 10.71
N PRO A 97 -18.02 -18.23 11.43
CA PRO A 97 -19.04 -17.31 11.93
C PRO A 97 -19.80 -16.72 10.76
N PRO A 98 -21.10 -16.49 10.91
CA PRO A 98 -21.88 -15.98 9.77
C PRO A 98 -21.49 -14.59 9.30
N GLN A 99 -20.77 -13.81 10.11
CA GLN A 99 -20.32 -12.49 9.70
C GLN A 99 -19.10 -12.51 8.78
N HIS A 100 -18.35 -13.62 8.71
CA HIS A 100 -17.07 -13.62 8.00
C HIS A 100 -17.26 -13.72 6.50
N LEU A 101 -16.61 -12.80 5.77
CA LEU A 101 -16.64 -12.84 4.30
C LEU A 101 -15.89 -14.04 3.76
N ILE A 102 -14.69 -14.32 4.28
CA ILE A 102 -13.82 -15.36 3.71
C ILE A 102 -13.94 -16.63 4.53
N ARG A 103 -14.24 -17.74 3.86
CA ARG A 103 -14.20 -19.06 4.45
C ARG A 103 -13.16 -19.91 3.75
N VAL A 104 -12.65 -20.90 4.48
CA VAL A 104 -11.89 -21.99 3.88
C VAL A 104 -12.82 -23.19 3.75
N GLU A 105 -12.86 -23.76 2.56
CA GLU A 105 -13.71 -24.91 2.27
C GLU A 105 -12.97 -26.20 2.60
N GLY A 106 -13.67 -27.12 3.27
CA GLY A 106 -13.19 -28.49 3.37
C GLY A 106 -11.93 -28.68 4.19
N ASN A 107 -11.72 -27.87 5.21
CA ASN A 107 -10.56 -28.03 6.10
C ASN A 107 -11.08 -27.93 7.53
N LEU A 108 -11.16 -29.08 8.20
CA LEU A 108 -11.67 -29.12 9.57
C LEU A 108 -10.73 -28.45 10.57
N ARG A 109 -9.49 -28.15 10.18
CA ARG A 109 -8.57 -27.45 11.06
C ARG A 109 -8.59 -25.94 10.87
N ALA A 110 -9.50 -25.42 10.05
CA ALA A 110 -9.62 -23.98 9.89
C ALA A 110 -10.09 -23.36 11.21
N GLU A 111 -9.50 -22.23 11.55
CA GLU A 111 -9.91 -21.45 12.72
CA GLU A 111 -9.87 -21.44 12.72
C GLU A 111 -10.25 -20.04 12.26
N TYR A 112 -11.29 -19.49 12.85
CA TYR A 112 -11.80 -18.17 12.50
C TYR A 112 -11.56 -17.22 13.67
N LEU A 113 -10.93 -16.08 13.38
CA LEU A 113 -10.54 -15.12 14.40
C LEU A 113 -11.35 -13.84 14.23
N ASP A 114 -11.96 -13.38 15.34
CA ASP A 114 -12.43 -12.01 15.48
C ASP A 114 -11.39 -11.31 16.35
N ASP A 115 -10.62 -10.40 15.75
CA ASP A 115 -9.52 -9.78 16.48
C ASP A 115 -10.08 -8.92 17.62
N ARG A 116 -9.59 -9.16 18.84
CA ARG A 116 -10.14 -8.48 20.02
C ARG A 116 -9.82 -6.99 20.03
N ASN A 117 -8.86 -6.54 19.23
CA ASN A 117 -8.45 -5.14 19.20
C ASN A 117 -8.88 -4.41 17.94
N THR A 118 -8.71 -5.02 16.77
CA THR A 118 -9.09 -4.39 15.51
C THR A 118 -10.49 -4.77 15.04
N PHE A 119 -11.07 -5.82 15.61
CA PHE A 119 -12.37 -6.38 15.21
C PHE A 119 -12.37 -6.98 13.82
N ARG A 120 -11.21 -7.09 13.19
CA ARG A 120 -11.16 -7.65 11.86
C ARG A 120 -11.27 -9.16 11.91
N HIS A 121 -11.80 -9.73 10.84
CA HIS A 121 -12.00 -11.15 10.68
C HIS A 121 -10.87 -11.77 9.89
N SER A 122 -10.52 -13.00 10.24
CA SER A 122 -9.58 -13.75 9.42
C SER A 122 -9.83 -15.23 9.60
N VAL A 123 -9.31 -16.02 8.66
CA VAL A 123 -9.39 -17.48 8.73
C VAL A 123 -7.99 -18.03 8.52
N VAL A 124 -7.59 -18.97 9.37
CA VAL A 124 -6.23 -19.48 9.38
C VAL A 124 -6.26 -21.00 9.38
N VAL A 125 -5.36 -21.61 8.62
CA VAL A 125 -5.23 -23.06 8.56
C VAL A 125 -3.77 -23.44 8.74
N PRO A 126 -3.50 -24.67 9.16
CA PRO A 126 -2.11 -25.15 9.15
C PRO A 126 -1.55 -25.16 7.74
N CYS A 127 -0.29 -24.75 7.60
CA CYS A 127 0.42 -24.92 6.35
C CYS A 127 0.81 -26.38 6.21
N GLU A 128 0.51 -26.97 5.05
CA GLU A 128 0.77 -28.38 4.82
C GLU A 128 1.60 -28.55 3.57
N PRO A 129 2.45 -29.56 3.52
CA PRO A 129 3.19 -29.86 2.29
C PRO A 129 2.27 -30.32 1.19
N PRO A 130 2.71 -30.23 -0.06
CA PRO A 130 1.89 -30.72 -1.18
C PRO A 130 1.59 -32.20 -1.04
N GLU A 131 0.45 -32.62 -1.59
CA GLU A 131 0.16 -34.04 -1.71
C GLU A 131 1.23 -34.71 -2.56
N VAL A 132 1.44 -36.01 -2.32
CA VAL A 132 2.46 -36.73 -3.07
C VAL A 132 2.11 -36.69 -4.55
N GLY A 133 3.08 -36.26 -5.36
CA GLY A 133 2.88 -36.08 -6.78
C GLY A 133 2.52 -34.67 -7.20
N SER A 134 2.31 -33.76 -6.27
CA SER A 134 1.97 -32.38 -6.57
CA SER A 134 1.97 -32.38 -6.57
C SER A 134 3.14 -31.46 -6.25
N ASP A 135 3.18 -30.32 -6.95
CA ASP A 135 4.26 -29.36 -6.76
C ASP A 135 3.93 -28.24 -5.79
N CYS A 136 2.66 -28.08 -5.41
CA CYS A 136 2.30 -26.99 -4.51
C CYS A 136 1.09 -27.41 -3.68
N THR A 137 0.75 -26.58 -2.71
CA THR A 137 -0.42 -26.80 -1.87
C THR A 137 -1.50 -25.81 -2.26
N THR A 138 -2.74 -26.28 -2.29
CA THR A 138 -3.86 -25.43 -2.66
C THR A 138 -4.83 -25.28 -1.48
N ILE A 139 -5.23 -24.04 -1.20
CA ILE A 139 -6.32 -23.76 -0.26
C ILE A 139 -7.53 -23.36 -1.09
N HIS A 140 -8.70 -23.84 -0.69
CA HIS A 140 -9.95 -23.51 -1.37
C HIS A 140 -10.69 -22.48 -0.52
N TYR A 141 -10.78 -21.26 -1.03
CA TYR A 141 -11.48 -20.19 -0.34
C TYR A 141 -12.87 -19.98 -0.93
N ASN A 142 -13.78 -19.44 -0.12
CA ASN A 142 -15.08 -18.97 -0.58
C ASN A 142 -15.26 -17.54 -0.10
N TYR A 143 -15.86 -16.71 -0.94
CA TYR A 143 -16.24 -15.34 -0.60
C TYR A 143 -17.76 -15.29 -0.52
N MET A 144 -18.27 -14.83 0.62
CA MET A 144 -19.65 -15.09 1.00
C MET A 144 -20.59 -13.90 0.84
N CYS A 145 -20.15 -12.84 0.16
CA CYS A 145 -20.98 -11.71 -0.24
C CYS A 145 -20.50 -11.25 -1.61
N TYR A 146 -21.40 -10.63 -2.37
CA TYR A 146 -21.02 -9.95 -3.61
C TYR A 146 -20.34 -8.63 -3.28
N SER A 147 -19.41 -8.23 -4.16
CA SER A 147 -18.82 -6.90 -4.03
C SER A 147 -19.88 -5.81 -3.96
N SER A 148 -21.03 -6.02 -4.61
CA SER A 148 -22.08 -5.02 -4.70
C SER A 148 -23.04 -5.02 -3.52
N CYS A 149 -22.92 -5.95 -2.56
CA CYS A 149 -23.97 -6.10 -1.56
C CYS A 149 -24.23 -4.79 -0.80
N MET A 150 -25.48 -4.33 -0.84
CA MET A 150 -25.81 -3.09 -0.14
C MET A 150 -25.69 -3.30 1.37
N GLY A 151 -25.24 -2.26 2.06
CA GLY A 151 -24.98 -2.36 3.48
C GLY A 151 -23.74 -3.12 3.85
N GLY A 152 -23.03 -3.70 2.88
CA GLY A 152 -21.78 -4.39 3.13
C GLY A 152 -20.69 -3.78 2.29
N MET A 153 -20.06 -4.58 1.43
CA MET A 153 -19.00 -4.02 0.58
C MET A 153 -19.51 -2.88 -0.29
N ASN A 154 -20.77 -2.95 -0.75
CA ASN A 154 -21.45 -1.82 -1.37
C ASN A 154 -20.64 -1.23 -2.53
N ARG A 155 -20.09 -2.12 -3.37
CA ARG A 155 -19.34 -1.82 -4.60
C ARG A 155 -17.90 -1.40 -4.35
N ARG A 156 -17.44 -1.38 -3.11
CA ARG A 156 -16.06 -0.98 -2.83
C ARG A 156 -15.11 -2.15 -3.05
N PRO A 157 -14.02 -1.96 -3.79
CA PRO A 157 -13.08 -3.06 -4.01
C PRO A 157 -12.36 -3.45 -2.72
N ILE A 158 -12.04 -4.74 -2.63
CA ILE A 158 -11.31 -5.29 -1.50
C ILE A 158 -10.04 -5.99 -1.99
N LEU A 159 -9.11 -6.15 -1.06
N LEU A 159 -9.16 -6.24 -1.02
CA LEU A 159 -7.95 -7.01 -1.24
CA LEU A 159 -7.91 -6.97 -1.21
C LEU A 159 -8.05 -8.15 -0.25
C LEU A 159 -7.88 -8.10 -0.19
N THR A 160 -7.50 -9.29 -0.63
CA THR A 160 -7.23 -10.38 0.30
C THR A 160 -5.73 -10.39 0.56
N ILE A 161 -5.36 -10.41 1.84
CA ILE A 161 -3.97 -10.53 2.27
C ILE A 161 -3.79 -11.94 2.81
N ILE A 162 -2.83 -12.67 2.26
CA ILE A 162 -2.48 -14.00 2.73
C ILE A 162 -1.14 -13.90 3.44
N THR A 163 -1.10 -14.33 4.70
CA THR A 163 0.12 -14.28 5.48
CA THR A 163 0.11 -14.28 5.51
C THR A 163 0.54 -15.68 5.90
N LEU A 164 1.82 -15.97 5.71
CA LEU A 164 2.45 -17.16 6.27
C LEU A 164 2.96 -16.76 7.65
N GLU A 165 2.58 -17.54 8.68
CA GLU A 165 2.85 -17.19 10.07
C GLU A 165 3.50 -18.35 10.79
N ASP A 166 4.31 -18.04 11.81
CA ASP A 166 4.80 -19.08 12.70
C ASP A 166 3.71 -19.45 13.71
N SER A 167 4.04 -20.38 14.62
CA SER A 167 3.04 -20.87 15.56
C SER A 167 2.58 -19.80 16.54
N SER A 168 3.36 -18.73 16.74
CA SER A 168 2.96 -17.59 17.57
C SER A 168 2.15 -16.56 16.82
N GLY A 169 2.04 -16.67 15.50
CA GLY A 169 1.41 -15.65 14.70
C GLY A 169 2.36 -14.60 14.14
N ASN A 170 3.67 -14.77 14.32
CA ASN A 170 4.62 -13.82 13.77
C ASN A 170 4.72 -13.99 12.26
N LEU A 171 5.05 -12.89 11.58
CA LEU A 171 5.09 -12.86 10.13
C LEU A 171 6.26 -13.66 9.58
N LEU A 172 5.98 -14.56 8.64
CA LEU A 172 7.01 -15.21 7.84
C LEU A 172 6.99 -14.84 6.37
N GLY A 173 5.82 -14.47 5.85
CA GLY A 173 5.68 -14.11 4.44
C GLY A 173 4.31 -13.52 4.22
N ARG A 174 4.19 -12.77 3.13
CA ARG A 174 2.94 -12.09 2.83
C ARG A 174 2.76 -11.92 1.33
N ASP A 175 1.54 -12.08 0.86
CA ASP A 175 1.18 -11.81 -0.52
C ASP A 175 -0.27 -11.31 -0.49
N SER A 176 -0.74 -10.81 -1.64
CA SER A 176 -2.08 -10.24 -1.66
C SER A 176 -2.60 -10.16 -3.08
N PHE A 177 -3.93 -10.00 -3.19
CA PHE A 177 -4.59 -9.86 -4.49
C PHE A 177 -5.92 -9.17 -4.29
N GLU A 178 -6.32 -8.40 -5.29
CA GLU A 178 -7.65 -7.81 -5.29
C GLU A 178 -8.70 -8.88 -5.57
N VAL A 179 -9.92 -8.67 -5.09
CA VAL A 179 -11.03 -9.60 -5.33
C VAL A 179 -12.26 -8.82 -5.75
N ARG A 180 -12.94 -9.30 -6.78
CA ARG A 180 -14.30 -8.87 -7.09
C ARG A 180 -15.18 -10.10 -7.07
N VAL A 181 -16.21 -10.07 -6.23
CA VAL A 181 -17.19 -11.15 -6.19
C VAL A 181 -18.39 -10.69 -7.00
N CYS A 182 -18.71 -11.41 -8.07
CA CYS A 182 -19.66 -10.90 -9.05
C CYS A 182 -20.36 -12.05 -9.76
N ALA A 183 -21.42 -11.71 -10.48
CA ALA A 183 -22.22 -12.73 -11.14
C ALA A 183 -21.53 -13.35 -12.35
N CYS A 184 -20.74 -12.57 -13.10
CA CYS A 184 -20.10 -13.04 -14.32
CA CYS A 184 -20.11 -13.03 -14.34
C CYS A 184 -18.62 -12.69 -14.31
N PRO A 185 -17.82 -13.47 -13.57
CA PRO A 185 -16.38 -13.19 -13.49
C PRO A 185 -15.66 -13.15 -14.82
N GLY A 186 -16.05 -14.01 -15.77
CA GLY A 186 -15.37 -14.03 -17.05
C GLY A 186 -15.54 -12.73 -17.83
N ARG A 187 -16.77 -12.25 -17.92
CA ARG A 187 -17.03 -10.98 -18.59
C ARG A 187 -16.37 -9.82 -17.86
N ASP A 188 -16.45 -9.82 -16.52
CA ASP A 188 -15.89 -8.69 -15.79
C ASP A 188 -14.37 -8.66 -15.90
N ARG A 189 -13.71 -9.83 -15.87
CA ARG A 189 -12.28 -9.84 -16.10
C ARG A 189 -11.93 -9.29 -17.48
N ARG A 190 -12.68 -9.71 -18.51
CA ARG A 190 -12.42 -9.20 -19.85
C ARG A 190 -12.61 -7.70 -19.92
N THR A 191 -13.68 -7.19 -19.30
CA THR A 191 -13.96 -5.76 -19.33
C THR A 191 -12.86 -4.98 -18.62
N GLU A 192 -12.46 -5.43 -17.43
CA GLU A 192 -11.46 -4.68 -16.67
C GLU A 192 -10.09 -4.76 -17.32
N GLU A 193 -9.75 -5.89 -17.94
CA GLU A 193 -8.48 -5.98 -18.66
C GLU A 193 -8.48 -5.08 -19.90
N GLU A 194 -9.61 -4.98 -20.59
CA GLU A 194 -9.67 -4.06 -21.72
C GLU A 194 -9.60 -2.61 -21.27
N ASN A 195 -10.27 -2.28 -20.17
CA ASN A 195 -10.15 -0.93 -19.62
C ASN A 195 -8.70 -0.60 -19.28
N LEU A 196 -7.98 -1.54 -18.69
CA LEU A 196 -6.57 -1.33 -18.38
C LEU A 196 -5.76 -1.10 -19.65
N ARG A 197 -6.01 -1.89 -20.69
CA ARG A 197 -5.29 -1.71 -21.94
C ARG A 197 -5.58 -0.35 -22.56
N LYS A 198 -6.83 0.11 -22.50
CA LYS A 198 -7.18 1.42 -23.03
C LYS A 198 -6.52 2.54 -22.22
N LYS A 199 -6.32 2.33 -20.92
CA LYS A 199 -5.69 3.33 -20.07
C LYS A 199 -4.21 3.49 -20.42
N SER B 1 3.40 30.93 13.76
CA SER B 1 4.37 30.54 12.74
C SER B 1 5.56 29.83 13.38
N SER B 2 6.42 29.26 12.54
CA SER B 2 7.51 28.41 13.02
C SER B 2 8.79 28.75 12.29
N SER B 3 9.93 28.39 12.89
CA SER B 3 11.21 28.51 12.22
C SER B 3 11.22 27.65 10.96
N VAL B 4 12.08 28.01 10.02
CA VAL B 4 12.08 27.40 8.69
C VAL B 4 13.24 26.41 8.63
N PRO B 5 12.95 25.12 8.44
CA PRO B 5 14.04 24.14 8.28
C PRO B 5 14.85 24.45 7.03
N SER B 6 16.15 24.18 7.11
CA SER B 6 17.02 24.42 5.97
C SER B 6 16.65 23.51 4.81
N GLN B 7 16.73 24.05 3.59
CA GLN B 7 16.58 23.26 2.37
C GLN B 7 17.87 23.16 1.58
N LYS B 8 19.00 23.56 2.16
CA LYS B 8 20.25 23.62 1.40
C LYS B 8 20.78 22.21 1.14
N THR B 9 21.09 21.94 -0.13
CA THR B 9 21.67 20.65 -0.49
C THR B 9 23.00 20.47 0.22
N TYR B 10 23.19 19.30 0.82
CA TYR B 10 24.38 19.03 1.62
C TYR B 10 24.66 17.54 1.54
N GLN B 11 25.67 17.14 0.77
CA GLN B 11 25.92 15.71 0.62
C GLN B 11 26.51 15.09 1.87
N GLY B 12 27.30 15.84 2.63
CA GLY B 12 27.88 15.32 3.85
C GLY B 12 28.93 14.25 3.58
N SER B 13 29.34 13.60 4.68
CA SER B 13 30.47 12.69 4.64
C SER B 13 30.19 11.44 3.82
N TYR B 14 28.92 11.06 3.68
CA TYR B 14 28.57 9.84 2.98
C TYR B 14 28.19 10.07 1.53
N GLY B 15 28.22 11.31 1.06
CA GLY B 15 27.88 11.60 -0.32
C GLY B 15 26.40 11.34 -0.60
N PHE B 16 25.53 11.81 0.29
CA PHE B 16 24.11 11.52 0.21
C PHE B 16 23.42 12.39 -0.83
N ARG B 17 22.61 11.77 -1.68
CA ARG B 17 21.75 12.50 -2.61
C ARG B 17 20.60 11.62 -3.06
N LEU B 18 19.57 12.26 -3.59
CA LEU B 18 18.39 11.54 -4.05
C LEU B 18 18.52 11.13 -5.52
N GLY B 19 17.61 10.27 -5.95
CA GLY B 19 17.46 9.96 -7.36
C GLY B 19 16.00 9.63 -7.62
N PHE B 20 15.62 9.69 -8.90
CA PHE B 20 14.23 9.48 -9.29
C PHE B 20 14.20 8.61 -10.56
N LEU B 21 13.15 7.80 -10.67
CA LEU B 21 12.93 7.03 -11.87
C LEU B 21 12.65 7.95 -13.06
N HIS B 22 12.68 7.37 -14.26
CA HIS B 22 12.34 8.10 -15.48
C HIS B 22 11.02 7.54 -16.01
N SER B 23 9.92 8.08 -15.49
CA SER B 23 8.61 7.53 -15.73
C SER B 23 7.89 8.13 -16.93
N GLY B 24 8.42 9.20 -17.51
CA GLY B 24 7.80 9.78 -18.68
C GLY B 24 6.58 10.62 -18.34
N THR B 25 5.89 11.06 -19.39
CA THR B 25 4.82 12.04 -19.24
C THR B 25 3.51 11.60 -19.88
N ALA B 26 3.30 10.30 -20.06
CA ALA B 26 2.02 9.82 -20.56
C ALA B 26 0.89 10.23 -19.62
N LYS B 27 -0.31 10.36 -20.19
CA LYS B 27 -1.45 10.83 -19.40
C LYS B 27 -1.78 9.89 -18.25
N SER B 28 -1.41 8.62 -18.36
CA SER B 28 -1.73 7.62 -17.35
C SER B 28 -0.70 7.55 -16.21
N VAL B 29 0.40 8.29 -16.29
CA VAL B 29 1.45 8.15 -15.29
C VAL B 29 0.97 8.66 -13.95
N THR B 30 1.32 7.94 -12.88
CA THR B 30 0.86 8.29 -11.55
C THR B 30 1.88 9.12 -10.77
N CYS B 31 3.13 9.10 -11.19
CA CYS B 31 4.20 9.85 -10.54
C CYS B 31 5.27 10.05 -11.58
N THR B 32 5.79 11.28 -11.70
CA THR B 32 6.86 11.52 -12.66
C THR B 32 7.70 12.70 -12.18
N TYR B 33 9.01 12.61 -12.39
CA TYR B 33 9.95 13.59 -11.88
C TYR B 33 10.56 14.39 -13.03
N SER B 34 10.60 15.71 -12.86
CA SER B 34 11.22 16.61 -13.83
C SER B 34 12.59 17.06 -13.34
N PRO B 35 13.68 16.58 -13.94
CA PRO B 35 15.00 17.10 -13.56
C PRO B 35 15.15 18.59 -13.85
N ALA B 36 14.59 19.09 -14.96
CA ALA B 36 14.79 20.48 -15.28
C ALA B 36 14.14 21.40 -14.26
N LEU B 37 13.03 20.97 -13.65
CA LEU B 37 12.32 21.74 -12.65
C LEU B 37 12.66 21.32 -11.22
N ASN B 38 13.45 20.25 -11.05
CA ASN B 38 13.61 19.58 -9.75
C ASN B 38 12.28 19.43 -9.03
N LYS B 39 11.32 18.83 -9.74
CA LYS B 39 9.94 18.80 -9.27
C LYS B 39 9.33 17.45 -9.55
N LEU B 40 8.72 16.87 -8.52
CA LEU B 40 7.98 15.63 -8.61
C LEU B 40 6.49 15.97 -8.79
N PHE B 41 5.85 15.31 -9.73
CA PHE B 41 4.42 15.45 -9.99
C PHE B 41 3.76 14.12 -9.67
N CYS B 42 2.74 14.12 -8.82
CA CYS B 42 2.16 12.85 -8.42
C CYS B 42 0.67 12.99 -8.18
N GLN B 43 -0.01 11.86 -8.25
CA GLN B 43 -1.42 11.78 -7.93
C GLN B 43 -1.62 11.59 -6.43
N LEU B 44 -2.83 11.91 -5.98
CA LEU B 44 -3.16 11.86 -4.57
C LEU B 44 -3.04 10.43 -4.03
N ALA B 45 -2.24 10.27 -2.97
CA ALA B 45 -2.14 9.02 -2.22
C ALA B 45 -1.58 7.86 -3.04
N LYS B 46 -0.87 8.16 -4.12
CA LYS B 46 -0.24 7.13 -4.95
C LYS B 46 1.25 7.03 -4.62
N THR B 47 1.83 5.90 -5.02
CA THR B 47 3.23 5.61 -4.70
C THR B 47 4.16 6.58 -5.40
N CYS B 48 5.06 7.18 -4.63
CA CYS B 48 6.11 8.04 -5.14
C CYS B 48 7.46 7.44 -4.77
N PRO B 49 8.15 6.77 -5.70
CA PRO B 49 9.45 6.18 -5.38
C PRO B 49 10.52 7.26 -5.35
N VAL B 50 11.27 7.30 -4.26
CA VAL B 50 12.39 8.22 -4.12
C VAL B 50 13.62 7.37 -3.81
N GLN B 51 14.66 7.51 -4.62
CA GLN B 51 15.89 6.75 -4.40
C GLN B 51 16.83 7.49 -3.48
N LEU B 52 17.59 6.72 -2.71
CA LEU B 52 18.66 7.22 -1.86
C LEU B 52 19.98 6.66 -2.37
N TRP B 53 20.96 7.54 -2.55
CA TRP B 53 22.29 7.18 -3.01
C TRP B 53 23.32 7.71 -2.03
N VAL B 54 24.34 6.88 -1.74
CA VAL B 54 25.50 7.31 -0.96
C VAL B 54 26.74 6.75 -1.61
N ASP B 55 27.87 7.43 -1.38
CA ASP B 55 29.18 6.97 -1.83
C ASP B 55 29.86 6.04 -0.83
N SER B 56 29.43 6.03 0.43
CA SER B 56 30.02 5.17 1.44
CA SER B 56 30.00 5.12 1.41
C SER B 56 28.92 4.72 2.40
N THR B 57 29.17 3.60 3.05
CA THR B 57 28.17 2.98 3.91
C THR B 57 28.00 3.75 5.21
N PRO B 58 26.79 4.22 5.53
CA PRO B 58 26.55 4.90 6.81
C PRO B 58 26.37 3.89 7.93
N PRO B 59 26.44 4.34 9.19
CA PRO B 59 26.40 3.40 10.32
C PRO B 59 25.02 2.81 10.54
N PRO B 60 24.95 1.63 11.17
CA PRO B 60 23.63 1.12 11.60
C PRO B 60 22.94 2.12 12.50
N GLY B 61 21.64 2.30 12.30
CA GLY B 61 20.87 3.27 13.06
C GLY B 61 20.71 4.60 12.37
N THR B 62 21.39 4.79 11.24
CA THR B 62 21.11 5.97 10.41
C THR B 62 19.65 5.93 9.98
N ARG B 63 19.03 7.11 9.88
CA ARG B 63 17.62 7.22 9.51
C ARG B 63 17.46 8.23 8.39
N VAL B 64 16.27 8.22 7.78
CA VAL B 64 15.94 9.08 6.64
C VAL B 64 14.60 9.74 6.95
N ARG B 65 14.57 11.06 6.99
CA ARG B 65 13.39 11.84 7.37
C ARG B 65 12.91 12.65 6.17
N ALA B 66 11.60 12.78 6.04
CA ALA B 66 10.96 13.63 5.03
C ALA B 66 10.08 14.66 5.72
N MET B 67 10.11 15.88 5.21
CA MET B 67 9.33 17.00 5.74
C MET B 67 9.01 17.93 4.59
N ALA B 68 7.80 18.47 4.58
CA ALA B 68 7.40 19.45 3.57
C ALA B 68 7.47 20.86 4.13
N ILE B 69 7.87 21.82 3.28
CA ILE B 69 7.76 23.24 3.61
C ILE B 69 7.20 23.96 2.39
N TYR B 70 6.56 25.11 2.63
CA TYR B 70 6.15 25.95 1.51
C TYR B 70 7.38 26.60 0.86
N LYS B 71 7.34 26.69 -0.47
CA LYS B 71 8.45 27.24 -1.24
C LYS B 71 8.52 28.77 -1.14
N GLN B 72 7.39 29.45 -1.17
CA GLN B 72 7.38 30.90 -1.27
C GLN B 72 7.70 31.58 0.06
N SER B 73 8.33 32.76 -0.04
CA SER B 73 8.80 33.50 1.12
C SER B 73 7.69 33.76 2.13
N GLN B 74 6.53 34.19 1.65
CA GLN B 74 5.48 34.59 2.57
C GLN B 74 4.79 33.40 3.21
N HIS B 75 5.07 32.18 2.76
CA HIS B 75 4.42 31.00 3.29
C HIS B 75 5.36 30.04 4.00
N MET B 76 6.68 30.21 3.87
CA MET B 76 7.61 29.22 4.38
CA MET B 76 7.60 29.21 4.38
C MET B 76 7.53 29.03 5.90
N THR B 77 7.08 30.05 6.64
CA THR B 77 6.98 29.87 8.09
C THR B 77 5.70 29.14 8.52
N GLU B 78 4.79 28.86 7.60
CA GLU B 78 3.55 28.15 7.94
C GLU B 78 3.76 26.65 7.84
N VAL B 79 3.31 25.91 8.85
CA VAL B 79 3.39 24.45 8.81
C VAL B 79 2.57 23.92 7.64
N VAL B 80 3.18 23.06 6.82
CA VAL B 80 2.45 22.36 5.77
C VAL B 80 1.66 21.22 6.40
N ARG B 81 0.35 21.21 6.20
CA ARG B 81 -0.51 20.19 6.79
C ARG B 81 -1.63 19.85 5.83
N ARG B 82 -2.32 18.75 6.13
CA ARG B 82 -3.50 18.41 5.33
C ARG B 82 -4.62 19.40 5.59
N CYS B 83 -5.48 19.55 4.58
CA CYS B 83 -6.53 20.54 4.55
C CYS B 83 -7.66 20.18 5.52
N PRO B 84 -8.58 21.12 5.76
CA PRO B 84 -9.65 20.84 6.74
C PRO B 84 -10.51 19.66 6.39
N HIS B 85 -10.63 19.32 5.10
CA HIS B 85 -11.36 18.12 4.71
C HIS B 85 -10.55 16.85 4.96
N HIS B 86 -9.34 16.79 4.40
CA HIS B 86 -8.60 15.54 4.44
C HIS B 86 -8.15 15.18 5.84
N GLU B 87 -7.90 16.18 6.71
CA GLU B 87 -7.52 15.80 8.07
C GLU B 87 -8.66 15.13 8.81
N ARG B 88 -9.89 15.23 8.31
CA ARG B 88 -11.09 14.69 8.95
C ARG B 88 -11.70 13.51 8.19
N CYS B 89 -10.99 12.91 7.25
N CYS B 89 -10.95 12.91 7.27
CA CYS B 89 -11.60 11.84 6.47
CA CYS B 89 -11.47 11.83 6.42
C CYS B 89 -11.30 10.44 7.00
C CYS B 89 -11.37 10.45 7.05
N SER B 90 -10.68 10.33 8.18
CA SER B 90 -10.45 9.03 8.84
C SER B 90 -9.84 8.00 7.90
N ASP B 91 -8.73 8.38 7.27
CA ASP B 91 -8.01 7.51 6.35
C ASP B 91 -6.61 7.16 6.85
N SER B 92 -6.36 7.25 8.16
CA SER B 92 -5.04 6.93 8.67
C SER B 92 -4.79 5.42 8.59
N ASP B 93 -3.54 5.06 8.30
CA ASP B 93 -3.15 3.66 8.27
C ASP B 93 -2.89 3.08 9.65
N GLY B 94 -3.08 3.86 10.71
CA GLY B 94 -2.76 3.44 12.06
C GLY B 94 -1.43 3.96 12.57
N LEU B 95 -0.56 4.42 11.68
CA LEU B 95 0.70 5.04 12.06
C LEU B 95 0.69 6.54 11.84
N ALA B 96 0.23 6.99 10.68
CA ALA B 96 0.32 8.40 10.32
C ALA B 96 -0.80 9.18 10.99
N PRO B 97 -0.49 10.26 11.70
CA PRO B 97 -1.55 11.15 12.17
C PRO B 97 -2.32 11.68 10.98
N PRO B 98 -3.65 11.87 11.11
CA PRO B 98 -4.43 12.31 9.96
C PRO B 98 -4.07 13.69 9.44
N GLN B 99 -3.34 14.50 10.21
CA GLN B 99 -2.93 15.82 9.76
C GLN B 99 -1.71 15.79 8.83
N HIS B 100 -0.96 14.68 8.79
CA HIS B 100 0.32 14.67 8.09
C HIS B 100 0.15 14.53 6.59
N LEU B 101 0.78 15.44 5.83
CA LEU B 101 0.73 15.35 4.38
C LEU B 101 1.50 14.14 3.84
N ILE B 102 2.69 13.89 4.36
CA ILE B 102 3.58 12.88 3.80
C ILE B 102 3.50 11.62 4.63
N ARG B 103 3.20 10.50 3.97
CA ARG B 103 3.29 9.20 4.60
C ARG B 103 4.34 8.35 3.88
N VAL B 104 4.85 7.34 4.59
CA VAL B 104 5.63 6.29 3.96
C VAL B 104 4.73 5.08 3.75
N GLU B 105 4.79 4.51 2.56
CA GLU B 105 4.02 3.34 2.19
C GLU B 105 4.88 2.10 2.40
N GLY B 106 4.30 1.07 3.01
CA GLY B 106 4.95 -0.23 3.09
C GLY B 106 6.20 -0.32 3.94
N ASN B 107 6.22 0.37 5.08
CA ASN B 107 7.32 0.26 6.03
C ASN B 107 6.74 0.36 7.43
N LEU B 108 6.65 -0.79 8.10
CA LEU B 108 6.10 -0.81 9.46
C LEU B 108 6.99 -0.11 10.48
N ARG B 109 8.22 0.25 10.12
CA ARG B 109 9.11 0.95 11.03
C ARG B 109 9.06 2.47 10.84
N ALA B 110 8.15 2.97 10.00
CA ALA B 110 8.00 4.41 9.85
C ALA B 110 7.50 5.01 11.16
N GLU B 111 8.08 6.15 11.54
CA GLU B 111 7.64 6.90 12.71
C GLU B 111 7.30 8.32 12.28
N TYR B 112 6.27 8.88 12.92
CA TYR B 112 5.75 10.18 12.59
C TYR B 112 5.99 11.13 13.75
N LEU B 113 6.56 12.29 13.47
CA LEU B 113 6.90 13.28 14.48
C LEU B 113 6.06 14.54 14.30
N ASP B 114 5.42 14.98 15.38
CA ASP B 114 4.91 16.34 15.54
C ASP B 114 5.93 17.06 16.40
N ASP B 115 6.70 17.97 15.80
CA ASP B 115 7.77 18.61 16.56
C ASP B 115 7.19 19.46 17.68
N ARG B 116 7.68 19.24 18.91
CA ARG B 116 7.08 19.91 20.06
C ARG B 116 7.37 21.40 20.11
N ASN B 117 8.37 21.86 19.36
CA ASN B 117 8.72 23.28 19.33
C ASN B 117 8.23 24.00 18.09
N THR B 118 8.40 23.40 16.91
CA THR B 118 8.02 24.03 15.66
C THR B 118 6.66 23.60 15.15
N PHE B 119 6.09 22.53 15.69
CA PHE B 119 4.82 21.97 15.27
C PHE B 119 4.85 21.38 13.86
N ARG B 120 6.03 21.29 13.24
CA ARG B 120 6.10 20.72 11.90
C ARG B 120 6.03 19.21 11.96
N HIS B 121 5.55 18.63 10.87
CA HIS B 121 5.35 17.20 10.74
C HIS B 121 6.49 16.59 9.95
N SER B 122 6.85 15.36 10.31
CA SER B 122 7.80 14.63 9.49
C SER B 122 7.57 13.14 9.68
N VAL B 123 8.11 12.37 8.75
CA VAL B 123 8.07 10.91 8.79
C VAL B 123 9.48 10.39 8.59
N VAL B 124 9.89 9.44 9.41
CA VAL B 124 11.27 8.98 9.42
C VAL B 124 11.29 7.45 9.42
N VAL B 125 12.22 6.88 8.66
CA VAL B 125 12.40 5.43 8.58
C VAL B 125 13.86 5.10 8.79
N PRO B 126 14.17 3.87 9.20
CA PRO B 126 15.57 3.44 9.22
C PRO B 126 16.14 3.44 7.81
N CYS B 127 17.38 3.89 7.69
CA CYS B 127 18.11 3.75 6.44
C CYS B 127 18.56 2.30 6.30
N GLU B 128 18.31 1.70 5.15
CA GLU B 128 18.66 0.32 4.89
C GLU B 128 19.53 0.23 3.65
N PRO B 129 20.39 -0.78 3.55
CA PRO B 129 21.16 -1.01 2.32
C PRO B 129 20.22 -1.42 1.19
N PRO B 130 20.67 -1.27 -0.06
CA PRO B 130 19.86 -1.73 -1.19
C PRO B 130 19.56 -3.22 -1.09
N GLU B 131 18.41 -3.61 -1.63
CA GLU B 131 18.09 -5.02 -1.74
C GLU B 131 19.04 -5.69 -2.74
N VAL B 132 19.14 -7.02 -2.62
CA VAL B 132 19.98 -7.77 -3.54
C VAL B 132 19.55 -7.50 -4.96
N GLY B 133 20.52 -7.24 -5.84
CA GLY B 133 20.24 -6.93 -7.22
C GLY B 133 19.90 -5.49 -7.52
N SER B 134 19.95 -4.60 -6.52
CA SER B 134 19.67 -3.19 -6.72
C SER B 134 20.89 -2.37 -6.32
N ASP B 135 21.05 -1.22 -6.98
CA ASP B 135 22.16 -0.32 -6.70
C ASP B 135 21.81 0.78 -5.70
N CYS B 136 20.55 0.93 -5.33
CA CYS B 136 20.17 2.00 -4.43
C CYS B 136 19.00 1.54 -3.59
N THR B 137 18.66 2.35 -2.59
CA THR B 137 17.53 2.09 -1.72
C THR B 137 16.39 3.02 -2.12
N THR B 138 15.18 2.50 -2.12
CA THR B 138 14.01 3.28 -2.49
C THR B 138 13.04 3.36 -1.32
N ILE B 139 12.54 4.56 -1.06
CA ILE B 139 11.45 4.78 -0.12
C ILE B 139 10.23 5.14 -0.95
N HIS B 140 9.07 4.58 -0.58
CA HIS B 140 7.81 4.90 -1.24
CA HIS B 140 7.83 4.92 -1.25
C HIS B 140 7.05 5.90 -0.37
N TYR B 141 6.86 7.11 -0.88
CA TYR B 141 6.08 8.12 -0.18
C TYR B 141 4.69 8.24 -0.79
N ASN B 142 3.74 8.69 0.03
CA ASN B 142 2.40 9.04 -0.42
C ASN B 142 2.12 10.46 0.06
N TYR B 143 1.58 11.30 -0.83
CA TYR B 143 1.15 12.64 -0.49
C TYR B 143 -0.37 12.66 -0.38
N MET B 144 -0.89 13.16 0.75
CA MET B 144 -2.26 12.89 1.14
C MET B 144 -3.21 14.06 0.96
N CYS B 145 -2.79 15.13 0.27
CA CYS B 145 -3.66 16.20 -0.18
C CYS B 145 -3.22 16.63 -1.57
N TYR B 146 -4.15 17.19 -2.35
CA TYR B 146 -3.79 17.85 -3.59
C TYR B 146 -3.14 19.19 -3.30
N SER B 147 -2.24 19.62 -4.19
CA SER B 147 -1.68 20.96 -4.07
C SER B 147 -2.77 22.02 -4.02
N SER B 148 -3.90 21.76 -4.67
CA SER B 148 -4.98 22.74 -4.77
C SER B 148 -5.94 22.73 -3.57
N CYS B 149 -5.77 21.83 -2.59
CA CYS B 149 -6.78 21.65 -1.55
C CYS B 149 -7.09 22.97 -0.83
N MET B 150 -8.35 23.35 -0.88
CA MET B 150 -8.84 24.55 -0.24
C MET B 150 -8.58 24.49 1.27
N GLY B 151 -8.07 25.59 1.84
CA GLY B 151 -7.78 25.64 3.25
C GLY B 151 -6.55 24.89 3.69
N GLY B 152 -5.89 24.17 2.79
CA GLY B 152 -4.63 23.53 3.07
C GLY B 152 -3.55 24.15 2.22
N MET B 153 -2.90 23.35 1.37
CA MET B 153 -1.87 23.92 0.52
C MET B 153 -2.42 25.05 -0.37
N ASN B 154 -3.66 24.92 -0.84
CA ASN B 154 -4.37 26.02 -1.50
C ASN B 154 -3.57 26.61 -2.66
N ARG B 155 -3.01 25.73 -3.49
CA ARG B 155 -2.28 26.04 -4.72
C ARG B 155 -0.88 26.56 -4.44
N ARG B 156 -0.45 26.62 -3.20
CA ARG B 156 0.90 27.10 -2.89
C ARG B 156 1.91 25.98 -3.08
N PRO B 157 2.98 26.21 -3.83
CA PRO B 157 3.98 25.16 -4.05
C PRO B 157 4.71 24.78 -2.77
N ILE B 158 5.07 23.49 -2.69
CA ILE B 158 5.82 22.96 -1.56
C ILE B 158 7.10 22.32 -2.05
N LEU B 159 8.02 22.15 -1.11
CA LEU B 159 9.21 21.34 -1.28
C LEU B 159 9.18 20.22 -0.25
N THR B 160 9.69 19.06 -0.62
CA THR B 160 10.02 18.01 0.34
C THR B 160 11.52 18.05 0.59
N ILE B 161 11.90 18.08 1.86
CA ILE B 161 13.29 18.02 2.31
C ILE B 161 13.52 16.63 2.86
N ILE B 162 14.51 15.93 2.32
CA ILE B 162 14.91 14.61 2.77
C ILE B 162 16.24 14.77 3.51
N THR B 163 16.27 14.33 4.77
CA THR B 163 17.50 14.43 5.55
CA THR B 163 17.47 14.43 5.59
C THR B 163 17.94 13.04 5.97
N LEU B 164 19.24 12.79 5.80
CA LEU B 164 19.88 11.61 6.35
C LEU B 164 20.37 12.01 7.75
N GLU B 165 20.04 11.21 8.76
CA GLU B 165 20.28 11.56 10.14
C GLU B 165 20.97 10.40 10.87
N ASP B 166 21.75 10.73 11.89
CA ASP B 166 22.26 9.68 12.76
C ASP B 166 21.17 9.28 13.76
N SER B 167 21.50 8.35 14.66
CA SER B 167 20.48 7.81 15.55
C SER B 167 19.98 8.82 16.56
N SER B 168 20.70 9.92 16.79
CA SER B 168 20.25 11.01 17.66
C SER B 168 19.42 12.03 16.92
N GLY B 169 19.35 11.96 15.59
CA GLY B 169 18.69 12.98 14.80
C GLY B 169 19.62 14.05 14.26
N ASN B 170 20.93 13.92 14.46
CA ASN B 170 21.86 14.91 13.92
C ASN B 170 21.97 14.76 12.42
N LEU B 171 22.16 15.90 11.75
CA LEU B 171 22.20 15.95 10.30
C LEU B 171 23.45 15.25 9.74
N LEU B 172 23.24 14.34 8.79
CA LEU B 172 24.32 13.78 8.01
C LEU B 172 24.31 14.20 6.54
N GLY B 173 23.14 14.49 5.98
CA GLY B 173 23.03 14.91 4.60
C GLY B 173 21.62 15.43 4.34
N ARG B 174 21.48 16.23 3.28
CA ARG B 174 20.22 16.88 2.99
C ARG B 174 20.05 17.05 1.48
N ASP B 175 18.83 16.84 1.00
CA ASP B 175 18.47 17.08 -0.39
C ASP B 175 16.99 17.47 -0.40
N SER B 176 16.49 17.92 -1.55
CA SER B 176 15.12 18.42 -1.60
C SER B 176 14.62 18.45 -3.03
N PHE B 177 13.30 18.49 -3.16
CA PHE B 177 12.64 18.57 -4.45
C PHE B 177 11.27 19.22 -4.27
N GLU B 178 10.85 19.98 -5.29
CA GLU B 178 9.50 20.51 -5.28
CA GLU B 178 9.49 20.50 -5.28
C GLU B 178 8.50 19.39 -5.56
N VAL B 179 7.26 19.57 -5.10
CA VAL B 179 6.20 18.59 -5.32
C VAL B 179 4.93 19.30 -5.76
N ARG B 180 4.27 18.74 -6.77
CA ARG B 180 2.91 19.10 -7.11
C ARG B 180 2.08 17.83 -7.06
N VAL B 181 1.05 17.82 -6.22
CA VAL B 181 0.11 16.71 -6.15
C VAL B 181 -1.10 17.13 -6.96
N CYS B 182 -1.40 16.37 -8.01
CA CYS B 182 -2.36 16.81 -9.01
C CYS B 182 -3.00 15.60 -9.67
N ALA B 183 -4.05 15.87 -10.44
CA ALA B 183 -4.80 14.78 -11.07
C ALA B 183 -4.07 14.16 -12.25
N CYS B 184 -3.34 14.95 -13.02
CA CYS B 184 -2.69 14.49 -14.25
CA CYS B 184 -2.68 14.47 -14.24
C CYS B 184 -1.22 14.89 -14.22
N PRO B 185 -0.39 14.16 -13.49
CA PRO B 185 1.04 14.52 -13.42
C PRO B 185 1.74 14.61 -14.75
N GLY B 186 1.45 13.70 -15.69
CA GLY B 186 2.15 13.73 -16.96
C GLY B 186 1.86 14.98 -17.74
N ARG B 187 0.59 15.37 -17.81
CA ARG B 187 0.22 16.59 -18.51
C ARG B 187 0.81 17.81 -17.81
N ASP B 188 0.76 17.84 -16.48
CA ASP B 188 1.25 19.02 -15.77
C ASP B 188 2.77 19.15 -15.87
N ARG B 189 3.49 18.02 -15.83
CA ARG B 189 4.93 18.10 -16.06
C ARG B 189 5.23 18.63 -17.47
N ARG B 190 4.51 18.13 -18.47
CA ARG B 190 4.71 18.63 -19.84
C ARG B 190 4.42 20.12 -19.93
N THR B 191 3.33 20.56 -19.31
CA THR B 191 2.97 21.98 -19.33
C THR B 191 4.05 22.83 -18.68
N GLU B 192 4.49 22.45 -17.47
CA GLU B 192 5.46 23.26 -16.76
C GLU B 192 6.83 23.23 -17.42
N GLU B 193 7.21 22.10 -18.02
CA GLU B 193 8.45 22.07 -18.78
C GLU B 193 8.35 22.88 -20.05
N GLU B 194 7.15 22.95 -20.64
CA GLU B 194 6.92 23.81 -21.79
C GLU B 194 7.08 25.28 -21.40
N ASN B 195 6.46 25.70 -20.30
CA ASN B 195 6.59 27.07 -19.84
C ASN B 195 8.04 27.42 -19.53
N LEU B 196 8.82 26.45 -19.05
CA LEU B 196 10.22 26.71 -18.74
C LEU B 196 11.01 27.06 -20.01
N ARG B 197 10.73 26.37 -21.12
CA ARG B 197 11.41 26.69 -22.37
C ARG B 197 10.99 28.06 -22.88
N LYS B 198 9.70 28.38 -22.80
CA LYS B 198 9.21 29.67 -23.25
C LYS B 198 9.48 30.76 -22.21
ZN ZN C . -24.07 -9.85 1.01
O EXN D . 4.33 -27.06 5.81
N1 EXN D . 4.34 -25.92 0.72
N2 EXN D . 7.31 -27.98 -4.62
C1 EXN D . 7.06 -27.97 1.83
C2 EXN D . 6.79 -28.14 3.20
C3 EXN D . 5.63 -27.58 3.81
C4 EXN D . 4.76 -26.78 3.02
C5 EXN D . 5.04 -26.61 1.66
C6 EXN D . 6.17 -27.19 1.06
C7 EXN D . 5.01 -26.03 -0.46
C8 EXN D . 6.14 -26.82 -0.28
C9 EXN D . 7.01 -27.09 -1.35
C10 EXN D . 6.72 -26.57 -2.65
C11 EXN D . 5.57 -25.76 -2.81
C12 EXN D . 4.70 -25.50 -1.73
C13 EXN D . 3.12 -25.16 0.93
C14 EXN D . 3.53 -23.73 1.33
C15 EXN D . 7.64 -26.83 -3.78
C16 EXN D . 8.10 -28.07 -5.86
C17 EXN D . 5.35 -27.70 5.20
C18 EXN D . 6.08 -28.41 6.15
C19 EXN D . 5.44 -28.20 7.38
C20 EXN D . 4.36 -27.37 7.14
C1 EDO E . -22.91 -9.15 -9.06
O1 EDO E . -22.58 -8.75 -10.39
C2 EDO E . -24.16 -8.42 -8.59
O2 EDO E . -25.13 -9.37 -8.12
C1 EDO F . -1.80 -4.73 -5.35
O1 EDO F . -1.92 -5.58 -6.51
C2 EDO F . -2.16 -5.51 -4.09
O2 EDO F . -1.43 -6.75 -4.04
ZN ZN G . -6.78 17.99 1.11
O EXN H . 22.14 1.72 5.88
N1 EXN H . 22.18 3.08 0.83
N2 EXN H . 25.21 1.07 -4.44
C1 EXN H . 24.92 1.00 1.91
C2 EXN H . 24.63 0.78 3.27
C3 EXN H . 23.47 1.33 3.88
C4 EXN H . 22.59 2.14 3.11
C5 EXN H . 22.89 2.36 1.75
C6 EXN H . 24.03 1.80 1.16
C7 EXN H . 22.86 2.99 -0.34
C8 EXN H . 24.02 2.20 -0.18
C9 EXN H . 24.89 1.96 -1.26
C10 EXN H . 24.59 2.52 -2.54
C11 EXN H . 23.43 3.32 -2.67
C12 EXN H . 22.55 3.56 -1.59
C13 EXN H . 20.97 3.81 1.07
C14 EXN H . 21.35 5.26 1.50
C15 EXN H . 25.51 2.30 -3.68
C16 EXN H . 25.96 0.94 -5.70
C17 EXN H . 23.19 1.15 5.25
C18 EXN H . 23.93 0.42 6.19
C19 EXN H . 23.28 0.55 7.41
C20 EXN H . 22.18 1.36 7.19
C1 GOL I . 1.02 19.78 16.34
O1 GOL I . 2.40 19.58 16.52
C2 GOL I . 0.66 19.43 14.89
O2 GOL I . 1.08 20.47 14.01
C3 GOL I . -0.85 19.19 14.79
O3 GOL I . -1.19 18.69 13.51
#